data_5E63
#
_entry.id   5E63
#
_cell.length_a   59.835
_cell.length_b   67.694
_cell.length_c   97.780
_cell.angle_alpha   90.00
_cell.angle_beta   90.00
_cell.angle_gamma   90.00
#
_symmetry.space_group_name_H-M   'P 21 21 21'
#
loop_
_entity.id
_entity.type
_entity.pdbx_description
1 polymer 'I-SmaMI LAGLIDADG meganuclease'
2 polymer 'DNA right half site Bottom strand'
3 polymer 'DNA left half site bottom strand'
4 polymer 'DNA left site top strand'
5 polymer "DNA (5'-D(P*CP*AP*GP*GP*TP*GP*TP*AP*CP*G)-3')"
6 non-polymer 'MAGNESIUM ION'
7 non-polymer 2-METHOXYETHANOL
8 non-polymer 2-(2-METHOXYETHOXY)ETHANOL
9 water water
#
loop_
_entity_poly.entity_id
_entity_poly.type
_entity_poly.pdbx_seq_one_letter_code
_entity_poly.pdbx_strand_id
1 'polypeptide(L)'
;SKGENSKLNPWAVVGFIDAEGSFMVRVRKNSKYKTGWLVVAIFSVTVDKKDLFLLESLKTFFGGLGSIKKSGNSTFSYRI
ESSEQLTKIILPFFDKYSLITEKLGDYLLFKKVLELMGTKEHLTQRGLEKIVSLKASINKGLSEELQAAFPQCVPTPRPE
INNKNIPDPFWLAGFVSGDGSFKSILKKSESIKVGFQSILVFQITQHARDVKLMESLISYLGCGFIEKDSRGPWLYYTVT
NFSDIQGKIIPFFHQYKIIGSAYGDYQDWCKIALIMQNKNHLTPEGLNEIRALKGGMNKGRL
;
A
2 'polydeoxyribonucleotide' (DC)(DG)(DT)(DA)(DC)(DA)(DC)(DC)(DT)(DG)(DA)(DT)(DA)(DA) B
3 'polydeoxyribonucleotide' (DT)(DG)(DG)(DA)(DG)(DG)(DA)(DT)(DA)(DC)(DC) C
4 'polydeoxyribonucleotide' (DG)(DG)(DT)(DA)(DT)(DC)(DC)(DT)(DC)(DC)(DA)(DT)(DT)(DA)(DT) D
5 'polydeoxyribonucleotide' (DC)(DA)(DG)(DG)(DT)(DG)(DT)(DA)(DC)(DG) E
#
loop_
_chem_comp.id
_chem_comp.type
_chem_comp.name
_chem_comp.formula
DA DNA linking 2'-DEOXYADENOSINE-5'-MONOPHOSPHATE 'C10 H14 N5 O6 P'
DC DNA linking 2'-DEOXYCYTIDINE-5'-MONOPHOSPHATE 'C9 H14 N3 O7 P'
DG DNA linking 2'-DEOXYGUANOSINE-5'-MONOPHOSPHATE 'C10 H14 N5 O7 P'
DT DNA linking THYMIDINE-5'-MONOPHOSPHATE 'C10 H15 N2 O8 P'
MG non-polymer 'MAGNESIUM ION' 'Mg 2'
MXE non-polymer 2-METHOXYETHANOL 'C3 H8 O2'
PG0 non-polymer 2-(2-METHOXYETHOXY)ETHANOL 'C5 H12 O3'
#
# COMPACT_ATOMS: atom_id res chain seq x y z
N LEU A 8 -5.82 14.63 -4.19
CA LEU A 8 -6.05 13.14 -4.32
C LEU A 8 -6.83 12.74 -5.56
N ASN A 9 -6.19 12.07 -6.49
CA ASN A 9 -6.81 11.51 -7.70
C ASN A 9 -7.39 10.15 -7.28
N PRO A 10 -8.49 9.63 -7.91
CA PRO A 10 -8.97 8.26 -7.68
C PRO A 10 -7.95 7.10 -7.83
N TRP A 11 -7.13 7.08 -8.89
CA TRP A 11 -6.11 6.02 -9.08
C TRP A 11 -5.00 6.04 -8.10
N ALA A 12 -4.65 7.24 -7.67
CA ALA A 12 -3.68 7.44 -6.60
C ALA A 12 -4.15 6.85 -5.33
N VAL A 13 -5.42 7.08 -5.04
CA VAL A 13 -6.02 6.44 -3.87
C VAL A 13 -5.97 4.89 -4.01
N VAL A 14 -6.32 4.36 -5.18
CA VAL A 14 -6.38 2.92 -5.39
C VAL A 14 -4.95 2.40 -5.21
N GLY A 15 -3.99 3.03 -5.86
CA GLY A 15 -2.58 2.70 -5.58
C GLY A 15 -2.22 2.71 -4.10
N PHE A 16 -2.59 3.81 -3.44
CA PHE A 16 -2.23 3.96 -2.05
C PHE A 16 -2.83 2.83 -1.20
N ILE A 17 -4.02 2.43 -1.54
CA ILE A 17 -4.70 1.37 -0.78
C ILE A 17 -4.19 -0.03 -1.20
N ASP A 18 -3.86 -0.23 -2.47
CA ASP A 18 -3.09 -1.41 -2.88
C ASP A 18 -1.83 -1.64 -1.99
N ALA A 19 -1.18 -0.53 -1.68
CA ALA A 19 0.02 -0.49 -0.85
C ALA A 19 -0.31 -0.64 0.64
N GLU A 20 -1.25 0.16 1.17
CA GLU A 20 -1.41 0.28 2.63
C GLU A 20 -2.71 -0.17 3.27
N GLY A 21 -3.74 -0.44 2.45
CA GLY A 21 -5.10 -0.58 2.97
C GLY A 21 -5.46 -1.95 3.53
N SER A 22 -6.60 -2.10 4.20
CA SER A 22 -7.11 -3.43 4.47
C SER A 22 -8.57 -3.54 4.27
N PHE A 23 -8.97 -4.75 3.83
CA PHE A 23 -10.33 -5.22 3.75
C PHE A 23 -10.55 -6.39 4.69
N MET A 24 -11.41 -6.17 5.70
CA MET A 24 -11.50 -7.04 6.83
C MET A 24 -12.93 -7.47 7.18
N VAL A 25 -13.01 -8.67 7.76
CA VAL A 25 -14.24 -9.27 8.23
C VAL A 25 -13.94 -9.80 9.61
N ARG A 26 -14.75 -9.42 10.56
CA ARG A 26 -14.76 -10.01 11.84
C ARG A 26 -16.11 -10.73 12.02
N VAL A 27 -15.97 -11.94 12.57
CA VAL A 27 -17.02 -12.76 13.06
C VAL A 27 -16.65 -13.08 14.51
N ARG A 28 -17.22 -12.28 15.43
CA ARG A 28 -16.93 -12.26 16.85
C ARG A 28 -18.04 -13.00 17.57
N LYS A 29 -17.72 -13.66 18.68
CA LYS A 29 -18.73 -14.43 19.46
C LYS A 29 -19.53 -13.60 20.52
N ASN A 30 -20.85 -13.66 20.42
CA ASN A 30 -21.66 -12.96 21.39
C ASN A 30 -23.05 -13.55 21.36
N SER A 31 -23.49 -14.06 22.50
CA SER A 31 -24.72 -14.83 22.56
C SER A 31 -25.97 -13.97 22.58
N LYS A 32 -25.85 -12.68 22.34
CA LYS A 32 -27.06 -11.84 22.24
C LYS A 32 -27.63 -11.93 20.82
N TYR A 33 -26.74 -12.30 19.89
CA TYR A 33 -27.14 -12.37 18.51
C TYR A 33 -27.80 -13.73 18.37
N LYS A 34 -28.85 -13.82 17.54
CA LYS A 34 -29.63 -15.06 17.41
C LYS A 34 -28.70 -16.18 17.01
N THR A 35 -27.77 -15.91 16.08
CA THR A 35 -26.74 -16.89 15.73
C THR A 35 -25.65 -17.13 16.79
N GLY A 36 -25.52 -16.27 17.79
CA GLY A 36 -24.38 -16.36 18.69
C GLY A 36 -23.09 -15.74 18.18
N TRP A 37 -23.15 -15.05 17.03
CA TRP A 37 -22.00 -14.46 16.35
C TRP A 37 -22.40 -13.13 15.77
N LEU A 38 -21.57 -12.12 16.01
CA LEU A 38 -21.66 -10.79 15.37
C LEU A 38 -20.71 -10.71 14.18
N VAL A 39 -21.23 -10.24 13.05
CA VAL A 39 -20.49 -10.15 11.76
C VAL A 39 -20.24 -8.70 11.47
N VAL A 40 -18.97 -8.31 11.25
CA VAL A 40 -18.66 -6.95 10.81
C VAL A 40 -17.59 -6.91 9.70
N ALA A 41 -17.73 -5.93 8.82
CA ALA A 41 -16.80 -5.65 7.77
C ALA A 41 -16.09 -4.29 7.98
N ILE A 42 -14.77 -4.24 7.71
CA ILE A 42 -14.00 -3.05 7.95
C ILE A 42 -13.03 -2.70 6.81
N PHE A 43 -13.08 -1.46 6.33
CA PHE A 43 -12.10 -0.94 5.42
C PHE A 43 -11.24 -0.01 6.24
N SER A 44 -9.91 -0.19 6.10
CA SER A 44 -8.92 0.35 7.05
C SER A 44 -7.71 0.79 6.31
N VAL A 45 -7.14 1.90 6.71
CA VAL A 45 -5.87 2.27 6.18
C VAL A 45 -5.19 2.93 7.36
N THR A 46 -3.96 2.55 7.64
CA THR A 46 -3.20 3.03 8.80
C THR A 46 -1.88 3.67 8.39
N VAL A 47 -1.51 4.81 8.96
CA VAL A 47 -0.22 5.45 8.68
C VAL A 47 0.38 6.08 9.91
N ASP A 48 1.68 6.33 9.85
CA ASP A 48 2.35 7.14 10.87
C ASP A 48 1.75 8.56 10.99
N LYS A 49 2.01 9.15 12.14
CA LYS A 49 1.56 10.49 12.52
C LYS A 49 1.85 11.56 11.55
N LYS A 50 3.03 11.47 10.92
CA LYS A 50 3.46 12.49 10.00
C LYS A 50 2.56 12.55 8.76
N ASP A 51 1.79 11.47 8.50
CA ASP A 51 0.80 11.45 7.44
C ASP A 51 -0.68 11.56 7.84
N LEU A 52 -0.97 12.16 8.98
CA LEU A 52 -2.35 12.46 9.41
C LEU A 52 -3.15 13.36 8.41
N PHE A 53 -2.50 14.36 7.84
CA PHE A 53 -3.15 15.19 6.84
C PHE A 53 -3.65 14.37 5.64
N LEU A 54 -2.95 13.28 5.32
CA LEU A 54 -3.35 12.42 4.24
C LEU A 54 -4.55 11.57 4.62
N LEU A 55 -4.59 11.04 5.85
CA LEU A 55 -5.81 10.42 6.32
C LEU A 55 -6.98 11.43 6.27
N GLU A 56 -6.75 12.70 6.62
CA GLU A 56 -7.84 13.67 6.61
C GLU A 56 -8.37 13.87 5.17
N SER A 57 -7.46 13.86 4.20
CA SER A 57 -7.81 13.94 2.75
C SER A 57 -8.64 12.76 2.33
N LEU A 58 -8.28 11.58 2.81
CA LEU A 58 -9.03 10.39 2.44
C LEU A 58 -10.47 10.42 2.92
N LYS A 59 -10.64 10.81 4.16
CA LYS A 59 -11.94 10.93 4.71
C LYS A 59 -12.72 11.88 3.86
N THR A 60 -12.17 13.06 3.67
CA THR A 60 -12.86 14.05 2.89
C THR A 60 -13.16 13.52 1.50
N PHE A 61 -12.21 12.78 0.91
CA PHE A 61 -12.39 12.07 -0.38
C PHE A 61 -13.55 11.11 -0.43
N PHE A 62 -13.70 10.34 0.64
CA PHE A 62 -14.88 9.47 0.78
C PHE A 62 -16.07 10.11 1.45
N GLY A 63 -16.44 11.32 1.03
CA GLY A 63 -17.67 11.95 1.49
C GLY A 63 -17.77 12.34 2.96
N GLY A 64 -16.61 12.47 3.62
CA GLY A 64 -16.46 12.76 5.05
C GLY A 64 -16.86 11.62 5.95
N LEU A 65 -16.96 10.43 5.39
CA LEU A 65 -17.44 9.26 6.15
C LEU A 65 -16.36 8.55 6.98
N GLY A 66 -16.81 7.83 8.00
CA GLY A 66 -15.88 7.05 8.78
C GLY A 66 -15.14 7.84 9.84
N SER A 67 -14.14 7.20 10.43
CA SER A 67 -13.58 7.66 11.69
C SER A 67 -12.05 7.46 11.69
N ILE A 68 -11.34 8.49 12.20
CA ILE A 68 -9.89 8.47 12.33
C ILE A 68 -9.48 8.46 13.81
N LYS A 69 -8.62 7.52 14.15
CA LYS A 69 -8.33 7.13 15.51
C LYS A 69 -6.87 6.73 15.66
N LYS A 70 -6.31 7.14 16.79
CA LYS A 70 -5.06 6.58 17.30
C LYS A 70 -5.12 5.05 17.26
N SER A 71 -4.18 4.48 16.52
CA SER A 71 -4.06 3.05 16.36
C SER A 71 -2.92 2.49 17.18
N GLY A 72 -1.71 2.94 16.91
CA GLY A 72 -0.57 2.60 17.71
C GLY A 72 0.07 3.82 18.33
N ASN A 73 1.33 3.59 18.64
CA ASN A 73 2.14 4.45 19.43
C ASN A 73 2.49 5.71 18.67
N SER A 74 2.61 5.55 17.36
CA SER A 74 2.72 6.69 16.50
C SER A 74 2.00 6.55 15.16
N THR A 75 0.98 5.71 15.11
CA THR A 75 0.15 5.57 13.97
C THR A 75 -1.28 5.96 14.27
N PHE A 76 -1.95 6.26 13.19
CA PHE A 76 -3.31 6.57 13.13
C PHE A 76 -3.95 5.81 11.99
N SER A 77 -5.22 5.52 12.21
CA SER A 77 -6.01 4.70 11.42
C SER A 77 -7.22 5.48 10.87
N TYR A 78 -7.54 5.27 9.60
CA TYR A 78 -8.84 5.64 9.01
C TYR A 78 -9.65 4.37 8.74
N ARG A 79 -10.85 4.32 9.31
CA ARG A 79 -11.71 3.16 9.24
C ARG A 79 -13.12 3.48 8.91
N ILE A 80 -13.72 2.68 8.05
CA ILE A 80 -15.17 2.72 7.81
C ILE A 80 -15.58 1.32 8.17
N GLU A 81 -16.45 1.21 9.16
CA GLU A 81 -16.94 -0.08 9.62
C GLU A 81 -18.45 -0.25 9.60
N SER A 82 -19.16 0.78 9.12
CA SER A 82 -20.56 0.66 8.78
C SER A 82 -20.78 -0.10 7.49
N SER A 83 -21.45 -1.26 7.60
CA SER A 83 -21.82 -2.07 6.40
C SER A 83 -22.59 -1.28 5.33
N GLU A 84 -23.45 -0.43 5.84
CA GLU A 84 -24.26 0.43 5.02
C GLU A 84 -23.45 1.36 4.14
N GLN A 85 -22.63 2.16 4.79
CA GLN A 85 -21.95 3.23 4.12
C GLN A 85 -20.76 2.65 3.26
N LEU A 86 -20.12 1.56 3.73
CA LEU A 86 -19.27 0.65 2.89
C LEU A 86 -19.92 0.19 1.59
N THR A 87 -21.13 -0.31 1.67
CA THR A 87 -21.91 -0.60 0.48
C THR A 87 -22.23 0.63 -0.37
N LYS A 88 -22.46 1.75 0.26
CA LYS A 88 -22.82 2.89 -0.50
C LYS A 88 -21.65 3.56 -1.20
N ILE A 89 -20.50 3.66 -0.54
CA ILE A 89 -19.45 4.55 -1.01
C ILE A 89 -18.22 3.78 -1.45
N ILE A 90 -17.75 2.84 -0.63
CA ILE A 90 -16.54 2.06 -0.90
C ILE A 90 -16.74 1.09 -2.03
N LEU A 91 -17.63 0.12 -1.91
CA LEU A 91 -17.83 -0.84 -3.00
C LEU A 91 -18.00 -0.18 -4.36
N PRO A 92 -18.79 0.89 -4.46
CA PRO A 92 -18.89 1.48 -5.83
C PRO A 92 -17.64 2.20 -6.30
N PHE A 93 -16.82 2.72 -5.39
CA PHE A 93 -15.50 3.20 -5.80
C PHE A 93 -14.47 2.09 -6.34
N PHE A 94 -14.27 1.01 -5.57
CA PHE A 94 -13.34 -0.02 -5.98
C PHE A 94 -13.81 -0.94 -7.10
N ASP A 95 -15.11 -1.02 -7.30
CA ASP A 95 -15.68 -1.70 -8.46
C ASP A 95 -15.44 -0.94 -9.77
N LYS A 96 -15.39 0.38 -9.66
CA LYS A 96 -15.02 1.23 -10.78
C LYS A 96 -13.50 1.39 -10.95
N TYR A 97 -12.77 1.58 -9.86
CA TYR A 97 -11.32 1.82 -9.87
C TYR A 97 -10.79 0.69 -9.05
N SER A 98 -10.50 -0.39 -9.73
CA SER A 98 -10.12 -1.64 -9.13
C SER A 98 -8.63 -1.80 -8.72
N LEU A 99 -8.46 -2.45 -7.57
CA LEU A 99 -7.17 -2.83 -7.05
C LEU A 99 -6.49 -3.81 -8.03
N ILE A 100 -5.17 -3.82 -8.00
CA ILE A 100 -4.35 -4.81 -8.80
C ILE A 100 -3.31 -5.76 -8.08
N THR A 101 -2.95 -5.50 -6.84
CA THR A 101 -2.21 -6.51 -6.08
C THR A 101 -3.18 -7.64 -5.66
N GLU A 102 -2.66 -8.62 -4.91
CA GLU A 102 -3.42 -9.73 -4.48
C GLU A 102 -4.46 -9.33 -3.50
N LYS A 103 -4.23 -8.23 -2.83
CA LYS A 103 -5.23 -7.53 -2.11
C LYS A 103 -6.57 -7.38 -2.87
N LEU A 104 -6.58 -7.45 -4.20
CA LEU A 104 -7.87 -7.51 -4.92
C LEU A 104 -8.72 -8.71 -4.53
N GLY A 105 -8.09 -9.88 -4.40
CA GLY A 105 -8.73 -11.11 -3.99
C GLY A 105 -9.43 -10.91 -2.66
N ASP A 106 -8.79 -10.25 -1.71
CA ASP A 106 -9.46 -9.90 -0.48
C ASP A 106 -10.62 -8.85 -0.65
N TYR A 107 -10.47 -7.84 -1.54
CA TYR A 107 -11.52 -6.88 -1.80
C TYR A 107 -12.84 -7.59 -2.27
N LEU A 108 -12.68 -8.51 -3.21
CA LEU A 108 -13.84 -9.16 -3.82
C LEU A 108 -14.61 -10.09 -2.88
N LEU A 109 -13.86 -10.72 -1.97
CA LEU A 109 -14.37 -11.62 -0.95
C LEU A 109 -15.10 -10.82 0.14
N PHE A 110 -14.47 -9.74 0.53
CA PHE A 110 -15.07 -8.70 1.38
C PHE A 110 -16.37 -8.20 0.72
N LYS A 111 -16.32 -7.93 -0.59
CA LYS A 111 -17.50 -7.51 -1.29
C LYS A 111 -18.66 -8.46 -1.17
N LYS A 112 -18.41 -9.72 -1.42
CA LYS A 112 -19.44 -10.76 -1.28
C LYS A 112 -20.06 -10.88 0.11
N VAL A 113 -19.26 -10.76 1.13
CA VAL A 113 -19.79 -10.63 2.50
C VAL A 113 -20.75 -9.48 2.63
N LEU A 114 -20.32 -8.29 2.30
CA LEU A 114 -21.23 -7.13 2.38
C LEU A 114 -22.52 -7.44 1.68
N GLU A 115 -22.43 -8.06 0.50
CA GLU A 115 -23.64 -8.41 -0.27
C GLU A 115 -24.62 -9.29 0.49
N LEU A 116 -24.05 -10.29 1.15
CA LEU A 116 -24.79 -11.12 2.09
C LEU A 116 -25.34 -10.35 3.30
N MET A 117 -24.54 -9.44 3.84
CA MET A 117 -24.96 -8.59 4.94
C MET A 117 -26.06 -7.67 4.50
N GLY A 118 -25.95 -7.19 3.27
CA GLY A 118 -26.93 -6.30 2.69
C GLY A 118 -28.37 -6.80 2.63
N THR A 119 -28.55 -8.12 2.49
CA THR A 119 -29.87 -8.77 2.45
C THR A 119 -30.20 -9.35 3.82
N LYS A 120 -29.50 -8.91 4.86
CA LYS A 120 -29.65 -9.40 6.23
C LYS A 120 -29.32 -10.86 6.40
N GLU A 121 -28.67 -11.49 5.43
CA GLU A 121 -28.41 -12.92 5.57
C GLU A 121 -27.42 -13.26 6.71
N HIS A 122 -26.51 -12.36 6.99
CA HIS A 122 -25.60 -12.54 8.10
C HIS A 122 -26.27 -12.91 9.43
N LEU A 123 -27.53 -12.50 9.58
CA LEU A 123 -28.37 -12.81 10.75
C LEU A 123 -28.96 -14.22 10.76
N THR A 124 -28.44 -15.10 9.94
CA THR A 124 -29.09 -16.31 9.53
C THR A 124 -28.02 -17.34 9.63
N GLN A 125 -28.37 -18.60 9.83
CA GLN A 125 -27.34 -19.65 9.93
C GLN A 125 -26.55 -19.97 8.64
N ARG A 126 -27.20 -19.93 7.48
CA ARG A 126 -26.53 -20.25 6.19
C ARG A 126 -25.57 -19.15 5.79
N GLY A 127 -26.14 -17.94 5.67
CA GLY A 127 -25.45 -16.67 5.75
C GLY A 127 -24.20 -16.75 6.59
N LEU A 128 -24.32 -17.13 7.86
CA LEU A 128 -23.14 -17.18 8.74
C LEU A 128 -22.04 -18.06 8.15
N GLU A 129 -22.36 -19.29 7.79
CA GLU A 129 -21.38 -20.18 7.22
C GLU A 129 -20.81 -19.72 5.87
N LYS A 130 -21.58 -18.96 5.10
CA LYS A 130 -21.07 -18.43 3.85
C LYS A 130 -20.02 -17.38 4.18
N ILE A 131 -20.34 -16.52 5.14
CA ILE A 131 -19.43 -15.48 5.62
C ILE A 131 -18.22 -16.08 6.30
N VAL A 132 -18.43 -17.19 7.02
CA VAL A 132 -17.28 -17.89 7.58
C VAL A 132 -16.44 -18.51 6.45
N SER A 133 -17.09 -19.12 5.46
CA SER A 133 -16.43 -19.70 4.31
C SER A 133 -15.62 -18.61 3.59
N LEU A 134 -16.22 -17.44 3.38
CA LEU A 134 -15.54 -16.30 2.75
C LEU A 134 -14.37 -15.72 3.59
N LYS A 135 -14.60 -15.45 4.88
CA LYS A 135 -13.55 -14.98 5.78
C LYS A 135 -12.30 -15.89 5.75
N ALA A 136 -12.50 -17.19 5.54
CA ALA A 136 -11.40 -18.15 5.55
C ALA A 136 -10.26 -18.00 4.45
N SER A 137 -10.56 -17.21 3.41
CA SER A 137 -9.70 -16.99 2.27
C SER A 137 -9.23 -15.56 2.26
N ILE A 138 -9.60 -14.75 3.27
CA ILE A 138 -9.27 -13.30 3.40
C ILE A 138 -8.12 -13.07 4.38
N ASN A 139 -7.14 -12.30 3.96
CA ASN A 139 -6.09 -11.90 4.83
C ASN A 139 -5.57 -13.13 5.56
N LYS A 140 -5.56 -13.15 6.88
CA LYS A 140 -4.91 -14.24 7.66
C LYS A 140 -5.78 -15.46 7.94
N GLY A 141 -6.97 -15.52 7.34
CA GLY A 141 -7.82 -16.72 7.38
C GLY A 141 -8.66 -16.83 8.63
N LEU A 142 -9.12 -18.04 8.95
CA LEU A 142 -9.87 -18.21 10.16
C LEU A 142 -8.97 -18.05 11.40
N SER A 143 -9.56 -17.52 12.44
CA SER A 143 -8.93 -17.47 13.73
C SER A 143 -8.97 -18.91 14.27
N GLU A 144 -8.25 -19.16 15.36
CA GLU A 144 -8.30 -20.47 16.08
C GLU A 144 -9.72 -20.75 16.57
N GLU A 145 -10.34 -19.72 17.12
CA GLU A 145 -11.72 -19.81 17.61
C GLU A 145 -12.77 -20.14 16.55
N LEU A 146 -12.61 -19.50 15.39
CA LEU A 146 -13.49 -19.75 14.28
C LEU A 146 -13.19 -21.13 13.62
N GLN A 147 -11.93 -21.53 13.49
CA GLN A 147 -11.64 -22.90 13.08
C GLN A 147 -12.37 -23.94 13.95
N ALA A 148 -12.38 -23.70 15.27
CA ALA A 148 -13.01 -24.64 16.23
C ALA A 148 -14.54 -24.56 16.25
N ALA A 149 -15.10 -23.35 16.15
CA ALA A 149 -16.55 -23.18 16.10
C ALA A 149 -17.11 -23.60 14.75
N PHE A 150 -16.29 -23.54 13.69
CA PHE A 150 -16.70 -23.95 12.33
C PHE A 150 -15.73 -24.92 11.67
N PRO A 151 -15.57 -26.14 12.26
CA PRO A 151 -14.60 -27.19 11.82
C PRO A 151 -14.98 -27.85 10.50
N GLN A 152 -16.19 -27.55 10.02
CA GLN A 152 -16.81 -28.09 8.86
C GLN A 152 -16.54 -27.26 7.60
N CYS A 153 -16.27 -25.98 7.74
CA CYS A 153 -16.49 -25.08 6.61
C CYS A 153 -15.32 -25.17 5.65
N VAL A 154 -15.61 -25.00 4.39
CA VAL A 154 -14.61 -25.17 3.39
C VAL A 154 -14.33 -23.75 2.84
N PRO A 155 -13.07 -23.27 2.91
CA PRO A 155 -12.88 -21.93 2.44
C PRO A 155 -13.39 -21.74 1.01
N THR A 156 -14.15 -20.66 0.74
CA THR A 156 -14.56 -20.40 -0.64
C THR A 156 -13.29 -20.00 -1.39
N PRO A 157 -13.11 -20.57 -2.60
CA PRO A 157 -11.81 -20.46 -3.29
C PRO A 157 -11.37 -19.03 -3.53
N ARG A 158 -10.10 -18.77 -3.31
CA ARG A 158 -9.58 -17.41 -3.44
C ARG A 158 -9.71 -17.02 -4.90
N PRO A 159 -10.32 -15.86 -5.19
CA PRO A 159 -10.53 -15.55 -6.60
C PRO A 159 -9.17 -15.22 -7.15
N GLU A 160 -8.91 -15.59 -8.40
CA GLU A 160 -7.59 -15.34 -9.00
C GLU A 160 -7.85 -14.55 -10.28
N ILE A 161 -7.39 -13.30 -10.33
CA ILE A 161 -7.64 -12.46 -11.52
C ILE A 161 -6.27 -12.29 -12.12
N ASN A 162 -6.12 -12.88 -13.31
CA ASN A 162 -4.83 -12.94 -13.91
C ASN A 162 -4.38 -11.58 -14.42
N ASN A 163 -3.08 -11.58 -14.69
CA ASN A 163 -2.34 -10.54 -15.42
C ASN A 163 -2.92 -9.14 -15.28
N LYS A 164 -2.61 -8.51 -14.14
CA LYS A 164 -3.05 -7.16 -13.88
C LYS A 164 -1.88 -6.21 -14.20
N ASN A 165 -2.26 -5.25 -15.08
CA ASN A 165 -1.46 -4.16 -15.61
C ASN A 165 -1.77 -2.88 -14.87
N ILE A 166 -0.80 -1.97 -14.79
CA ILE A 166 -1.01 -0.65 -14.17
C ILE A 166 -2.04 0.15 -14.94
N PRO A 167 -3.21 0.44 -14.32
CA PRO A 167 -4.33 1.01 -15.04
C PRO A 167 -4.18 2.50 -15.24
N ASP A 168 -3.27 3.15 -14.55
CA ASP A 168 -3.12 4.59 -14.68
C ASP A 168 -1.86 4.98 -13.97
N PRO A 169 -1.07 5.89 -14.56
CA PRO A 169 0.14 6.35 -13.87
C PRO A 169 -0.09 6.89 -12.48
N PHE A 170 -1.24 7.44 -12.20
CA PHE A 170 -1.52 7.81 -10.83
C PHE A 170 -1.57 6.66 -9.79
N TRP A 171 -2.04 5.49 -10.22
CA TRP A 171 -1.99 4.30 -9.37
C TRP A 171 -0.59 4.09 -8.85
N LEU A 172 0.37 4.26 -9.70
CA LEU A 172 1.76 4.07 -9.37
C LEU A 172 2.30 5.15 -8.44
N ALA A 173 1.98 6.41 -8.76
CA ALA A 173 2.11 7.49 -7.75
C ALA A 173 1.58 7.02 -6.39
N GLY A 174 0.36 6.49 -6.37
CA GLY A 174 -0.23 6.09 -5.12
C GLY A 174 0.51 5.05 -4.35
N PHE A 175 0.94 4.05 -5.06
CA PHE A 175 1.44 2.82 -4.45
C PHE A 175 2.83 3.06 -3.92
N VAL A 176 3.60 3.82 -4.70
CA VAL A 176 4.95 4.23 -4.33
C VAL A 176 4.87 5.09 -3.08
N SER A 177 3.94 6.03 -3.01
CA SER A 177 3.73 6.79 -1.77
C SER A 177 3.53 5.90 -0.56
N GLY A 178 2.91 4.75 -0.78
CA GLY A 178 2.79 3.74 0.26
C GLY A 178 4.00 2.85 0.50
N ASP A 179 4.29 2.00 -0.48
CA ASP A 179 5.28 0.96 -0.30
C ASP A 179 6.62 1.19 -1.06
N GLY A 180 6.83 2.39 -1.56
CA GLY A 180 8.02 2.76 -2.30
C GLY A 180 8.97 3.52 -1.43
N SER A 181 10.18 3.72 -1.94
CA SER A 181 11.13 4.56 -1.28
C SER A 181 12.23 5.18 -2.12
N PHE A 182 12.48 6.46 -1.76
CA PHE A 182 13.55 7.25 -2.31
C PHE A 182 14.75 7.28 -1.39
N LYS A 183 15.76 6.49 -1.76
CA LYS A 183 16.92 6.32 -0.93
C LYS A 183 18.16 7.15 -1.35
N SER A 184 18.78 7.76 -0.35
CA SER A 184 20.09 8.30 -0.48
C SER A 184 21.09 7.52 0.37
N ILE A 185 22.08 6.92 -0.31
CA ILE A 185 23.18 6.25 0.35
C ILE A 185 24.58 6.87 0.10
N LEU A 186 25.35 6.93 1.18
CA LEU A 186 26.72 7.36 1.20
C LEU A 186 27.58 6.20 1.63
N LYS A 187 28.34 5.73 0.68
CA LYS A 187 29.02 4.48 0.78
C LYS A 187 30.52 4.73 0.89
N LYS A 188 31.15 4.22 1.91
CA LYS A 188 32.60 4.30 2.00
C LYS A 188 33.25 3.74 0.66
N SER A 189 34.11 4.56 0.06
CA SER A 189 34.85 4.29 -1.18
C SER A 189 36.34 4.62 -0.94
N GLU A 190 37.21 3.65 -1.18
CA GLU A 190 38.66 3.85 -1.15
C GLU A 190 39.17 4.56 -2.37
N SER A 191 38.39 4.63 -3.44
CA SER A 191 38.84 5.14 -4.71
C SER A 191 38.27 6.50 -5.12
N ILE A 192 37.06 6.84 -4.72
CA ILE A 192 36.55 8.21 -4.87
C ILE A 192 37.35 9.11 -3.93
N LYS A 193 37.63 10.32 -4.38
CA LYS A 193 38.64 11.09 -3.74
C LYS A 193 38.14 11.82 -2.54
N VAL A 194 36.88 12.18 -2.59
CA VAL A 194 36.12 12.70 -1.43
C VAL A 194 35.70 11.61 -0.37
N GLY A 195 36.05 10.35 -0.59
CA GLY A 195 35.86 9.28 0.43
C GLY A 195 34.58 8.44 0.35
N PHE A 196 33.55 8.95 -0.34
CA PHE A 196 32.25 8.32 -0.34
C PHE A 196 31.57 8.44 -1.68
N GLN A 197 30.75 7.43 -2.01
CA GLN A 197 29.96 7.44 -3.23
C GLN A 197 28.60 7.94 -2.88
N SER A 198 27.98 8.75 -3.72
CA SER A 198 26.65 9.28 -3.43
C SER A 198 25.80 8.49 -4.32
N ILE A 199 25.07 7.54 -3.73
CA ILE A 199 24.11 6.74 -4.46
C ILE A 199 22.65 7.17 -4.22
N LEU A 200 21.90 7.20 -5.33
CA LEU A 200 20.44 7.27 -5.35
C LEU A 200 19.75 5.95 -5.78
N VAL A 201 18.81 5.49 -4.96
CA VAL A 201 18.05 4.28 -5.22
C VAL A 201 16.60 4.61 -5.05
N PHE A 202 15.85 4.27 -6.07
CA PHE A 202 14.42 4.25 -6.05
C PHE A 202 14.09 2.80 -5.80
N GLN A 203 13.15 2.52 -4.95
CA GLN A 203 12.87 1.16 -4.65
C GLN A 203 11.42 0.95 -4.23
N ILE A 204 10.80 -0.14 -4.72
CA ILE A 204 9.48 -0.51 -4.32
C ILE A 204 9.57 -1.89 -3.78
N THR A 205 8.92 -2.08 -2.62
CA THR A 205 8.91 -3.33 -1.89
C THR A 205 7.51 -3.98 -1.93
N GLN A 206 7.47 -5.28 -2.10
CA GLN A 206 6.22 -6.00 -2.09
C GLN A 206 6.41 -7.48 -1.93
N HIS A 207 5.40 -8.10 -1.31
CA HIS A 207 5.41 -9.57 -1.11
C HIS A 207 5.52 -10.25 -2.51
N ALA A 208 6.10 -11.44 -2.49
CA ALA A 208 6.43 -12.19 -3.69
C ALA A 208 5.18 -12.67 -4.46
N ARG A 209 4.11 -13.04 -3.78
CA ARG A 209 2.81 -13.28 -4.43
C ARG A 209 2.45 -12.35 -5.60
N ASP A 210 2.98 -11.10 -5.59
CA ASP A 210 2.85 -10.16 -6.66
C ASP A 210 4.11 -9.95 -7.48
N VAL A 211 4.88 -11.03 -7.64
CA VAL A 211 6.00 -11.11 -8.59
C VAL A 211 5.68 -10.52 -9.95
N LYS A 212 4.48 -10.78 -10.43
CA LYS A 212 4.22 -10.51 -11.82
C LYS A 212 4.09 -9.01 -12.03
N LEU A 213 3.32 -8.42 -11.13
CA LEU A 213 3.18 -6.99 -11.02
C LEU A 213 4.56 -6.36 -10.84
N MET A 214 5.31 -6.82 -9.87
CA MET A 214 6.70 -6.36 -9.73
C MET A 214 7.55 -6.46 -11.03
N GLU A 215 7.59 -7.62 -11.68
CA GLU A 215 8.18 -7.79 -13.05
C GLU A 215 7.68 -6.73 -14.07
N SER A 216 6.39 -6.43 -14.04
CA SER A 216 5.77 -5.52 -15.03
C SER A 216 6.25 -4.07 -14.89
N LEU A 217 6.77 -3.71 -13.73
CA LEU A 217 7.30 -2.36 -13.53
C LEU A 217 8.52 -1.99 -14.38
N ILE A 218 9.27 -3.03 -14.78
CA ILE A 218 10.44 -2.86 -15.67
C ILE A 218 10.05 -2.37 -17.07
N SER A 219 9.01 -2.93 -17.66
CA SER A 219 8.44 -2.37 -18.90
C SER A 219 7.75 -1.02 -18.72
N TYR A 220 7.01 -0.87 -17.62
CA TYR A 220 6.23 0.33 -17.42
C TYR A 220 7.16 1.59 -17.30
N LEU A 221 8.18 1.49 -16.45
CA LEU A 221 9.20 2.53 -16.33
C LEU A 221 10.44 2.45 -17.24
N GLY A 222 10.56 1.39 -18.03
CA GLY A 222 11.68 1.19 -18.96
C GLY A 222 13.07 1.19 -18.31
N CYS A 223 13.12 0.75 -17.04
CA CYS A 223 14.34 0.62 -16.26
C CYS A 223 14.10 -0.26 -15.01
N GLY A 224 15.20 -0.56 -14.32
CA GLY A 224 15.19 -1.25 -13.02
C GLY A 224 15.35 -2.73 -13.14
N PHE A 225 15.50 -3.37 -12.00
CA PHE A 225 15.60 -4.82 -11.90
C PHE A 225 14.95 -5.26 -10.57
N ILE A 226 14.71 -6.56 -10.47
CA ILE A 226 13.93 -7.15 -9.42
C ILE A 226 14.87 -8.02 -8.58
N GLU A 227 14.87 -7.90 -7.26
CA GLU A 227 15.67 -8.85 -6.45
C GLU A 227 14.78 -9.55 -5.42
N LYS A 228 15.21 -10.71 -4.93
CA LYS A 228 14.52 -11.39 -3.84
C LYS A 228 15.30 -11.18 -2.56
N ASP A 229 14.61 -10.78 -1.48
CA ASP A 229 15.13 -10.86 -0.12
C ASP A 229 15.40 -12.32 0.21
N SER A 230 16.65 -12.64 0.50
CA SER A 230 17.00 -13.99 0.90
C SER A 230 16.40 -14.49 2.18
N ARG A 231 15.88 -13.57 2.96
CA ARG A 231 15.38 -13.88 4.30
C ARG A 231 13.89 -14.21 4.37
N GLY A 232 13.16 -14.00 3.27
CA GLY A 232 11.76 -14.32 3.16
C GLY A 232 11.13 -13.90 1.84
N PRO A 233 9.80 -14.04 1.76
CA PRO A 233 9.18 -13.99 0.46
C PRO A 233 8.88 -12.56 0.10
N TRP A 234 9.92 -11.77 -0.13
CA TRP A 234 9.75 -10.34 -0.32
C TRP A 234 10.65 -9.87 -1.48
N LEU A 235 10.11 -9.11 -2.45
CA LEU A 235 10.83 -8.65 -3.64
C LEU A 235 11.10 -7.20 -3.60
N TYR A 236 12.09 -6.81 -4.40
CA TYR A 236 12.47 -5.38 -4.51
C TYR A 236 12.56 -5.04 -5.98
N TYR A 237 11.80 -4.04 -6.40
CA TYR A 237 11.99 -3.38 -7.65
C TYR A 237 12.92 -2.25 -7.33
N THR A 238 14.13 -2.27 -7.89
CA THR A 238 15.21 -1.32 -7.65
C THR A 238 15.73 -0.58 -8.94
N VAL A 239 15.97 0.75 -8.85
CA VAL A 239 16.72 1.55 -9.87
C VAL A 239 17.89 2.23 -9.14
N THR A 240 19.13 1.89 -9.53
CA THR A 240 20.43 2.42 -9.06
C THR A 240 21.06 3.38 -10.13
N ASN A 241 20.99 2.97 -11.40
CA ASN A 241 21.43 3.73 -12.55
C ASN A 241 20.96 5.18 -12.63
N PHE A 242 21.92 6.10 -12.45
CA PHE A 242 21.64 7.53 -12.27
C PHE A 242 21.02 8.12 -13.55
N SER A 243 21.55 7.79 -14.69
CA SER A 243 20.95 8.12 -15.96
C SER A 243 19.42 7.77 -16.09
N ASP A 244 19.00 6.63 -15.56
CA ASP A 244 17.59 6.23 -15.54
C ASP A 244 16.77 7.02 -14.48
N ILE A 245 17.41 7.31 -13.38
CA ILE A 245 16.81 8.14 -12.37
C ILE A 245 16.57 9.54 -12.85
N GLN A 246 17.55 10.17 -13.44
CA GLN A 246 17.32 11.44 -14.12
C GLN A 246 16.34 11.42 -15.25
N GLY A 247 16.36 10.35 -16.04
CA GLY A 247 15.72 10.35 -17.31
C GLY A 247 14.32 9.87 -17.22
N LYS A 248 14.08 8.94 -16.29
CA LYS A 248 12.84 8.19 -16.26
C LYS A 248 12.06 8.38 -14.96
N ILE A 249 12.73 8.13 -13.84
CA ILE A 249 12.03 8.15 -12.56
C ILE A 249 11.69 9.56 -12.09
N ILE A 250 12.67 10.43 -12.11
CA ILE A 250 12.43 11.80 -11.64
C ILE A 250 11.34 12.44 -12.47
N PRO A 251 11.43 12.35 -13.81
CA PRO A 251 10.36 12.97 -14.62
C PRO A 251 8.96 12.39 -14.38
N PHE A 252 8.87 11.09 -14.10
CA PHE A 252 7.59 10.45 -13.84
C PHE A 252 6.93 11.05 -12.65
N PHE A 253 7.62 11.06 -11.53
CA PHE A 253 6.97 11.47 -10.27
C PHE A 253 6.84 12.98 -10.14
N HIS A 254 7.50 13.70 -11.02
CA HIS A 254 7.27 15.10 -11.16
C HIS A 254 5.91 15.37 -11.80
N GLN A 255 5.55 14.63 -12.86
CA GLN A 255 4.22 14.73 -13.42
C GLN A 255 3.24 14.13 -12.46
N TYR A 256 3.56 12.94 -11.95
CA TYR A 256 2.59 12.15 -11.18
C TYR A 256 3.00 12.14 -9.75
N LYS A 257 2.52 13.09 -8.98
CA LYS A 257 3.11 13.40 -7.69
C LYS A 257 2.84 12.44 -6.55
N ILE A 258 3.87 12.15 -5.77
CA ILE A 258 3.76 11.41 -4.52
C ILE A 258 2.80 12.15 -3.58
N ILE A 259 2.12 11.39 -2.74
CA ILE A 259 1.25 11.95 -1.74
C ILE A 259 1.78 11.68 -0.31
N GLY A 260 1.41 12.55 0.62
CA GLY A 260 1.88 12.43 1.97
C GLY A 260 3.23 13.07 2.14
N SER A 261 3.75 12.98 3.36
CA SER A 261 5.14 13.33 3.69
C SER A 261 6.17 12.92 2.65
N ALA A 262 5.95 11.74 2.10
CA ALA A 262 6.91 11.15 1.24
C ALA A 262 7.21 12.13 0.10
N TYR A 263 6.28 13.05 -0.22
CA TYR A 263 6.50 14.03 -1.28
C TYR A 263 7.72 15.01 -1.03
N GLY A 264 7.90 15.47 0.21
CA GLY A 264 9.11 16.24 0.61
C GLY A 264 10.38 15.42 0.49
N ASP A 265 10.31 14.17 0.86
CA ASP A 265 11.42 13.31 0.69
C ASP A 265 11.81 13.12 -0.81
N TYR A 266 10.85 13.06 -1.70
CA TYR A 266 11.16 13.01 -3.12
C TYR A 266 11.86 14.31 -3.52
N GLN A 267 11.35 15.44 -3.03
CA GLN A 267 11.92 16.73 -3.38
C GLN A 267 13.39 16.91 -2.97
N ASP A 268 13.70 16.41 -1.78
CA ASP A 268 15.08 16.40 -1.31
C ASP A 268 16.02 15.54 -2.16
N TRP A 269 15.47 14.42 -2.62
CA TRP A 269 16.16 13.41 -3.38
C TRP A 269 16.39 13.99 -4.76
N CYS A 270 15.39 14.70 -5.26
CA CYS A 270 15.54 15.46 -6.52
C CYS A 270 16.65 16.46 -6.48
N LYS A 271 16.75 17.13 -5.36
CA LYS A 271 17.81 18.04 -5.10
C LYS A 271 19.17 17.42 -5.01
N ILE A 272 19.25 16.22 -4.43
CA ILE A 272 20.49 15.49 -4.33
C ILE A 272 20.98 15.15 -5.73
N ALA A 273 20.00 14.77 -6.57
CA ALA A 273 20.24 14.50 -7.96
C ALA A 273 20.76 15.69 -8.78
N LEU A 274 20.28 16.93 -8.52
CA LEU A 274 20.91 18.14 -9.09
C LEU A 274 22.34 18.29 -8.71
N ILE A 275 22.61 18.13 -7.44
CA ILE A 275 23.98 18.15 -7.00
C ILE A 275 24.81 17.12 -7.78
N MET A 276 24.29 15.92 -7.91
CA MET A 276 24.96 14.87 -8.70
C MET A 276 25.05 15.19 -10.19
N GLN A 277 23.97 15.70 -10.77
CA GLN A 277 23.99 16.17 -12.15
C GLN A 277 25.19 17.11 -12.50
N ASN A 278 25.41 18.16 -11.68
CA ASN A 278 26.52 19.10 -11.89
C ASN A 278 27.89 18.55 -11.40
N LYS A 279 27.92 17.28 -11.00
CA LYS A 279 29.13 16.66 -10.55
C LYS A 279 29.67 17.19 -9.24
N ASN A 280 28.83 17.84 -8.43
CA ASN A 280 29.35 18.42 -7.19
C ASN A 280 29.47 17.44 -6.04
N HIS A 281 28.75 16.33 -6.10
CA HIS A 281 28.94 15.18 -5.18
C HIS A 281 30.38 14.66 -4.95
N LEU A 282 31.27 15.02 -5.89
CA LEU A 282 32.66 14.67 -5.83
C LEU A 282 33.53 15.83 -5.26
N THR A 283 32.85 16.84 -4.74
CA THR A 283 33.41 18.00 -4.13
C THR A 283 33.11 17.81 -2.64
N PRO A 284 34.02 18.23 -1.77
CA PRO A 284 33.63 18.07 -0.34
C PRO A 284 32.38 18.90 0.04
N GLU A 285 32.29 20.11 -0.48
CA GLU A 285 31.16 20.97 -0.26
C GLU A 285 29.85 20.31 -0.60
N GLY A 286 29.80 19.62 -1.72
CA GLY A 286 28.56 19.08 -2.26
C GLY A 286 28.14 17.78 -1.53
N LEU A 287 29.15 17.04 -1.13
CA LEU A 287 28.98 15.93 -0.26
C LEU A 287 28.26 16.35 1.02
N ASN A 288 28.64 17.47 1.61
CA ASN A 288 27.96 17.96 2.80
C ASN A 288 26.59 18.52 2.50
N GLU A 289 26.37 19.12 1.31
CA GLU A 289 24.98 19.46 0.94
C GLU A 289 24.11 18.20 0.97
N ILE A 290 24.65 17.11 0.41
CA ILE A 290 23.97 15.83 0.41
C ILE A 290 23.81 15.21 1.83
N ARG A 291 24.79 15.37 2.70
CA ARG A 291 24.65 14.86 4.04
C ARG A 291 23.54 15.64 4.67
N ALA A 292 23.51 16.95 4.44
CA ALA A 292 22.51 17.79 5.07
C ALA A 292 21.11 17.47 4.55
N LEU A 293 20.92 17.13 3.27
CA LEU A 293 19.60 16.90 2.70
C LEU A 293 19.13 15.56 3.14
N LYS A 294 20.04 14.62 3.05
CA LYS A 294 19.80 13.27 3.48
C LYS A 294 19.41 13.35 4.95
N GLY A 295 20.17 14.06 5.75
CA GLY A 295 19.80 14.24 7.14
C GLY A 295 18.33 14.66 7.32
N GLY A 296 17.91 15.62 6.52
CA GLY A 296 16.61 16.23 6.59
C GLY A 296 15.51 15.28 6.26
N MET A 297 15.79 14.25 5.47
CA MET A 297 14.75 13.34 4.97
C MET A 297 14.16 12.49 6.08
N ASN A 298 12.84 12.27 5.98
CA ASN A 298 12.04 11.46 6.91
C ASN A 298 11.89 12.14 8.28
N LYS A 299 11.31 13.34 8.30
CA LYS A 299 11.27 14.23 9.53
C LYS A 299 10.01 15.04 10.06
N GLY A 300 8.90 15.32 9.35
CA GLY A 300 8.77 15.44 7.90
C GLY A 300 7.57 16.36 7.54
MG MG F . 3.05 -0.58 3.47
MG MG G . 1.88 -3.00 1.44
MG MG H . 4.16 4.48 3.30
O1 MXE I . 1.50 14.21 18.08
C1 MXE I . 0.33 13.61 17.48
C2 MXE I . 0.13 13.98 16.00
O2 MXE I . 1.15 14.85 15.48
C3 MXE I . 1.41 14.83 14.07
C5 PG0 J . 29.20 -0.66 -15.32
C5 PG0 J . 30.96 -0.75 -15.77
O2 PG0 J . 29.23 0.72 -14.96
O2 PG0 J . 31.12 0.44 -15.00
C4 PG0 J . 30.09 1.54 -15.77
C4 PG0 J . 31.69 1.51 -15.76
C3 PG0 J . 30.29 2.90 -15.10
C3 PG0 J . 31.16 2.87 -15.30
O1 PG0 J . 31.20 3.78 -15.81
O1 PG0 J . 32.20 3.86 -15.26
C2 PG0 J . 31.83 4.74 -14.93
C2 PG0 J . 31.83 5.03 -14.51
C1 PG0 J . 31.81 6.19 -15.41
C1 PG0 J . 32.62 6.29 -14.94
OTT PG0 J . 32.77 6.96 -14.64
OTT PG0 J . 31.70 7.33 -15.26
#